data_3A5L
#
_entry.id   3A5L
#
_cell.length_a   56.852
_cell.length_b   69.005
_cell.length_c   180.881
_cell.angle_alpha   90.00
_cell.angle_beta   90.00
_cell.angle_gamma   90.00
#
_symmetry.space_group_name_H-M   'P 21 21 21'
#
loop_
_entity.id
_entity.type
_entity.pdbx_description
1 polymer Gelsolin
2 polymer 'Major actin'
3 non-polymer 'CALCIUM ION'
4 non-polymer "ADENOSINE-5'-DIPHOSPHATE"
5 non-polymer 'MAGNESIUM ION'
6 water water
#
loop_
_entity_poly.entity_id
_entity_poly.type
_entity_poly.pdbx_seq_one_letter_code
_entity_poly.pdbx_strand_id
1 'polypeptide(L)'
;MGSVVEHPEFLKAGKEPGLQIWRVEKFDLVPVPTCLYGDFFTGDAYVILKTVQLRNGNLQYDLHYWLGNECSQDESGAAA
IFTVQLDDYLNGRAVQHREVQGFESATFLGYFKSGLKYKKGGVASGF
;
S
2 'polypeptide(L)'
;DGEDVQALVIDNGSGMCKAGFAGDDAPRAVFPSIVGRPRHTGVMVGMGQKDSYVGDEAQSKRGILTLKYPIE(HIC)GIV
TNWDDMEKIWHHTFYNELRVAPEEHPVLLTEAALNPKANREKMTQIMFETFNTPAMYVAIQAVLSLYASGRTTGIVMDSG
DGVSHTVPIYEGYALPHAILRLDLAGRDLTDYMMKILTERGYSFTTTAAAAIVRDIKEKLAYVALDFEAEMQTAASSSAL
EKSYELPDGQVITIGNERFRCPEALFQPSFLGMESAGIHETTYNSIMKCDVDIRKDLYGNVVLSGGTTMFPGIADRMNKE
LTALAPSTMKIKIIAPPERKYSVWIGGSILASLSTFQQMWISKEEYDESGPSIVHRKCF
;
C
#
loop_
_chem_comp.id
_chem_comp.type
_chem_comp.name
_chem_comp.formula
ADP non-polymer ADENOSINE-5'-DIPHOSPHATE 'C10 H15 N5 O10 P2'
CA non-polymer 'CALCIUM ION' 'Ca 2'
MG non-polymer 'MAGNESIUM ION' 'Mg 2'
#
# COMPACT_ATOMS: atom_id res chain seq x y z
N VAL A 5 20.74 -10.07 7.27
CA VAL A 5 20.61 -9.45 8.60
C VAL A 5 21.70 -9.88 9.67
N GLU A 6 22.32 -8.88 10.29
CA GLU A 6 23.38 -9.11 11.29
C GLU A 6 22.84 -8.83 12.68
N HIS A 7 21.51 -8.64 12.75
CA HIS A 7 20.82 -8.49 14.03
C HIS A 7 21.22 -9.64 14.94
N PRO A 8 21.77 -9.30 16.10
CA PRO A 8 22.21 -10.30 17.05
C PRO A 8 21.15 -11.38 17.27
N GLU A 9 19.85 -11.02 17.22
CA GLU A 9 18.83 -12.03 17.56
C GLU A 9 18.64 -13.03 16.45
N PHE A 10 18.94 -12.66 15.21
CA PHE A 10 18.80 -13.61 14.09
C PHE A 10 19.87 -14.68 14.22
N LEU A 11 21.05 -14.24 14.64
CA LEU A 11 22.14 -15.15 14.96
C LEU A 11 21.75 -16.17 16.04
N LYS A 12 20.93 -15.75 17.02
CA LYS A 12 20.45 -16.67 18.08
C LYS A 12 19.30 -17.62 17.69
N ALA A 13 18.68 -17.39 16.54
CA ALA A 13 17.37 -17.97 16.27
C ALA A 13 17.45 -19.32 15.60
N GLY A 14 16.55 -20.23 15.99
CA GLY A 14 16.45 -21.53 15.36
C GLY A 14 17.69 -22.40 15.54
N LYS A 15 18.52 -22.07 16.53
CA LYS A 15 19.80 -22.77 16.74
C LYS A 15 19.59 -24.18 17.25
N GLU A 16 18.57 -24.37 18.10
CA GLU A 16 18.23 -25.72 18.61
C GLU A 16 16.75 -25.86 18.95
N PRO A 17 16.27 -27.09 19.14
CA PRO A 17 14.84 -27.23 19.40
C PRO A 17 14.42 -26.46 20.65
N GLY A 18 13.18 -26.01 20.68
CA GLY A 18 12.82 -24.90 21.53
C GLY A 18 11.78 -23.93 20.99
N LEU A 19 11.49 -22.95 21.83
CA LEU A 19 10.55 -21.94 21.56
C LEU A 19 11.32 -20.68 21.85
N GLN A 20 11.28 -19.74 20.90
CA GLN A 20 11.82 -18.39 21.20
C GLN A 20 10.77 -17.33 20.98
N ILE A 21 10.81 -16.28 21.79
CA ILE A 21 9.74 -15.30 21.74
C ILE A 21 10.38 -13.94 21.87
N TRP A 22 10.06 -13.07 20.89
CA TRP A 22 10.53 -11.67 20.89
C TRP A 22 9.30 -10.76 20.84
N ARG A 23 9.49 -9.56 21.37
CA ARG A 23 8.51 -8.52 21.35
C ARG A 23 8.99 -7.44 20.43
N VAL A 24 8.07 -6.88 19.62
CA VAL A 24 8.43 -5.73 18.87
C VAL A 24 8.47 -4.53 19.84
N GLU A 25 9.61 -3.88 19.98
CA GLU A 25 9.71 -2.70 20.79
C GLU A 25 10.40 -1.66 19.94
N LYS A 26 9.61 -0.69 19.46
CA LYS A 26 10.16 0.49 18.76
C LYS A 26 10.97 0.16 17.51
N PHE A 27 10.35 -0.58 16.59
CA PHE A 27 10.97 -1.02 15.34
C PHE A 27 12.16 -1.98 15.56
N ASP A 28 12.28 -2.51 16.77
CA ASP A 28 13.30 -3.50 17.04
C ASP A 28 12.71 -4.84 17.49
N LEU A 29 13.49 -5.91 17.37
CA LEU A 29 13.11 -7.23 17.87
C LEU A 29 13.80 -7.45 19.21
N VAL A 30 13.06 -7.41 20.33
CA VAL A 30 13.67 -7.55 21.65
C VAL A 30 13.24 -8.89 22.30
N PRO A 31 14.21 -9.72 22.74
CA PRO A 31 13.81 -11.01 23.32
C PRO A 31 12.96 -10.91 24.62
N VAL A 32 12.01 -11.83 24.75
CA VAL A 32 11.22 -11.92 25.97
C VAL A 32 11.97 -12.80 27.02
N PRO A 33 12.06 -12.30 28.28
CA PRO A 33 12.59 -13.10 29.39
C PRO A 33 11.88 -14.46 29.42
N THR A 34 12.64 -15.56 29.44
CA THR A 34 12.01 -16.89 29.39
C THR A 34 11.00 -17.10 30.53
N CYS A 35 11.13 -16.33 31.61
CA CYS A 35 10.20 -16.48 32.72
C CYS A 35 8.83 -15.84 32.43
N LEU A 36 8.77 -14.95 31.43
CA LEU A 36 7.52 -14.27 31.06
C LEU A 36 6.82 -14.86 29.82
N TYR A 37 7.27 -16.03 29.35
CA TYR A 37 6.69 -16.64 28.17
C TYR A 37 5.25 -17.05 28.41
N GLY A 38 4.40 -16.66 27.46
CA GLY A 38 2.99 -16.99 27.53
C GLY A 38 2.15 -15.83 28.04
N ASP A 39 2.79 -14.87 28.70
CA ASP A 39 2.12 -13.63 29.16
C ASP A 39 2.20 -12.56 28.09
N PHE A 40 1.10 -12.35 27.38
CA PHE A 40 1.07 -11.40 26.27
C PHE A 40 0.35 -10.07 26.60
N PHE A 41 1.11 -8.99 26.57
CA PHE A 41 0.59 -7.63 26.41
C PHE A 41 -0.29 -7.47 25.16
N THR A 42 -1.57 -7.16 25.35
CA THR A 42 -2.54 -7.00 24.24
C THR A 42 -2.34 -5.68 23.50
N GLY A 43 -1.53 -4.81 24.06
CA GLY A 43 -1.13 -3.61 23.35
C GLY A 43 0.15 -3.77 22.54
N ASP A 44 0.59 -5.03 22.38
CA ASP A 44 1.90 -5.37 21.73
C ASP A 44 1.82 -6.40 20.64
N ALA A 45 2.88 -6.45 19.82
CA ALA A 45 3.00 -7.53 18.85
C ALA A 45 4.28 -8.29 19.12
N TYR A 46 4.27 -9.59 18.86
CA TYR A 46 5.39 -10.47 19.23
C TYR A 46 5.71 -11.38 18.05
N VAL A 47 6.95 -11.88 18.01
CA VAL A 47 7.36 -12.90 17.02
C VAL A 47 7.78 -14.16 17.77
N ILE A 48 7.12 -15.26 17.44
CA ILE A 48 7.39 -16.49 18.11
C ILE A 48 7.99 -17.49 17.11
N LEU A 49 9.17 -18.04 17.43
CA LEU A 49 9.71 -19.15 16.63
C LEU A 49 9.68 -20.50 17.36
N LYS A 50 8.99 -21.45 16.75
CA LYS A 50 9.00 -22.82 17.24
C LYS A 50 9.91 -23.74 16.39
N THR A 51 11.08 -24.11 16.95
CA THR A 51 12.02 -25.11 16.38
C THR A 51 11.81 -26.53 16.97
N VAL A 52 11.41 -27.45 16.09
CA VAL A 52 11.25 -28.85 16.42
C VAL A 52 12.36 -29.67 15.74
N GLN A 53 12.95 -30.59 16.49
CA GLN A 53 14.01 -31.49 15.97
C GLN A 53 13.35 -32.57 15.13
N LEU A 54 13.75 -32.63 13.83
CA LEU A 54 13.22 -33.64 12.94
C LEU A 54 14.09 -34.92 12.92
N ARG A 55 13.51 -36.01 12.38
CA ARG A 55 14.23 -37.30 12.30
C ARG A 55 15.45 -37.20 11.40
N ASN A 56 15.40 -36.37 10.35
CA ASN A 56 16.58 -36.19 9.45
C ASN A 56 17.84 -35.53 10.07
N GLY A 57 17.60 -34.74 11.19
CA GLY A 57 18.78 -34.09 11.81
C GLY A 57 18.59 -32.58 11.73
N ASN A 58 18.00 -32.15 10.61
CA ASN A 58 17.50 -30.78 10.45
C ASN A 58 16.29 -30.44 11.34
N LEU A 59 16.15 -29.14 11.60
CA LEU A 59 15.12 -28.60 12.45
C LEU A 59 13.99 -28.03 11.61
N GLN A 60 12.78 -28.19 12.12
CA GLN A 60 11.61 -27.64 11.47
C GLN A 60 11.29 -26.31 12.15
N TYR A 61 10.81 -25.35 11.36
CA TYR A 61 10.54 -24.01 11.85
C TYR A 61 9.10 -23.56 11.56
N ASP A 62 8.41 -23.08 12.59
CA ASP A 62 7.11 -22.38 12.45
C ASP A 62 7.23 -21.05 13.12
N LEU A 63 6.86 -20.01 12.36
CA LEU A 63 7.08 -18.63 12.77
C LEU A 63 5.70 -18.01 12.92
N HIS A 64 5.38 -17.52 14.10
CA HIS A 64 4.05 -17.03 14.39
C HIS A 64 4.22 -15.57 14.73
N TYR A 65 3.45 -14.69 14.09
CA TYR A 65 3.49 -13.34 14.56
C TYR A 65 2.15 -13.06 15.27
N TRP A 66 2.24 -12.69 16.55
CA TRP A 66 1.07 -12.53 17.40
C TRP A 66 0.72 -11.05 17.53
N LEU A 67 -0.53 -10.71 17.21
CA LEU A 67 -0.97 -9.31 17.24
C LEU A 67 -2.00 -9.00 18.37
N GLY A 68 -1.59 -8.21 19.37
CA GLY A 68 -2.50 -7.76 20.41
C GLY A 68 -3.64 -6.90 19.87
N ASN A 69 -4.83 -6.98 20.50
CA ASN A 69 -5.98 -6.18 20.04
C ASN A 69 -5.70 -4.67 19.96
N GLU A 70 -4.76 -4.19 20.79
CA GLU A 70 -4.41 -2.77 20.86
C GLU A 70 -2.98 -2.42 20.40
N CYS A 71 -2.28 -3.32 19.73
CA CYS A 71 -0.93 -2.96 19.26
C CYS A 71 -1.09 -1.95 18.14
N SER A 72 -0.12 -1.05 18.05
CA SER A 72 -0.15 0.01 17.07
C SER A 72 0.28 -0.54 15.69
N GLN A 73 -0.11 0.17 14.64
CA GLN A 73 0.22 -0.19 13.28
C GLN A 73 1.73 -0.44 13.02
N ASP A 74 2.59 0.37 13.62
CA ASP A 74 4.02 0.13 13.50
C ASP A 74 4.46 -1.23 14.08
N GLU A 75 3.83 -1.65 15.19
CA GLU A 75 4.20 -2.92 15.83
C GLU A 75 3.75 -4.15 15.05
N SER A 76 2.52 -4.14 14.56
CA SER A 76 1.98 -5.23 13.77
C SER A 76 2.66 -5.31 12.39
N GLY A 77 2.98 -4.15 11.82
CA GLY A 77 3.70 -4.09 10.57
C GLY A 77 5.11 -4.60 10.72
N ALA A 78 5.76 -4.25 11.82
CA ALA A 78 7.12 -4.71 12.05
C ALA A 78 7.15 -6.20 12.32
N ALA A 79 6.14 -6.74 12.99
CA ALA A 79 6.07 -8.18 13.30
C ALA A 79 5.92 -9.01 12.03
N ALA A 80 5.04 -8.55 11.15
CA ALA A 80 4.88 -9.20 9.85
C ALA A 80 6.22 -9.16 9.05
N ILE A 81 6.88 -8.01 9.06
CA ILE A 81 8.13 -7.87 8.32
C ILE A 81 9.25 -8.70 8.95
N PHE A 82 9.48 -8.56 10.25
CA PHE A 82 10.48 -9.37 10.90
C PHE A 82 10.25 -10.84 10.59
N THR A 83 9.00 -11.24 10.47
CA THR A 83 8.72 -12.61 10.20
C THR A 83 9.27 -13.01 8.83
N VAL A 84 9.03 -12.17 7.81
CA VAL A 84 9.49 -12.44 6.46
C VAL A 84 11.02 -12.51 6.47
N GLN A 85 11.65 -11.57 7.16
CA GLN A 85 13.09 -11.47 7.21
C GLN A 85 13.70 -12.66 7.93
N LEU A 86 13.09 -13.11 9.02
CA LEU A 86 13.61 -14.29 9.74
C LEU A 86 13.44 -15.54 8.87
N ASP A 87 12.33 -15.65 8.16
CA ASP A 87 12.11 -16.74 7.25
C ASP A 87 13.18 -16.77 6.14
N ASP A 88 13.45 -15.61 5.50
CA ASP A 88 14.51 -15.51 4.48
C ASP A 88 15.84 -15.96 5.12
N TYR A 89 16.07 -15.52 6.34
CA TYR A 89 17.30 -15.85 7.04
C TYR A 89 17.48 -17.39 7.25
N LEU A 90 16.37 -18.08 7.46
CA LEU A 90 16.31 -19.51 7.70
C LEU A 90 16.11 -20.23 6.40
N ASN A 91 16.57 -19.63 5.31
CA ASN A 91 16.51 -20.25 3.98
C ASN A 91 15.10 -20.60 3.48
N GLY A 92 14.10 -19.80 3.91
CA GLY A 92 12.70 -20.02 3.45
C GLY A 92 12.07 -21.27 4.07
N ARG A 93 12.65 -21.77 5.14
CA ARG A 93 12.21 -23.03 5.69
C ARG A 93 11.07 -22.93 6.72
N ALA A 94 10.74 -21.72 7.20
CA ALA A 94 9.72 -21.54 8.25
C ALA A 94 8.35 -21.41 7.64
N VAL A 95 7.36 -22.08 8.23
CA VAL A 95 5.98 -21.77 7.85
C VAL A 95 5.55 -20.55 8.68
N GLN A 96 4.98 -19.55 8.01
CA GLN A 96 4.60 -18.27 8.64
C GLN A 96 3.14 -18.30 9.08
N HIS A 97 2.86 -17.85 10.31
CA HIS A 97 1.46 -17.79 10.81
C HIS A 97 1.15 -16.48 11.46
N ARG A 98 0.05 -15.92 11.02
CA ARG A 98 -0.54 -14.74 11.62
C ARG A 98 -1.48 -15.13 12.79
N GLU A 99 -1.05 -14.79 13.99
CA GLU A 99 -1.84 -15.12 15.16
C GLU A 99 -2.48 -13.84 15.72
N VAL A 100 -3.81 -13.81 15.75
CA VAL A 100 -4.55 -12.63 16.26
C VAL A 100 -5.09 -12.94 17.66
N GLN A 101 -4.95 -11.99 18.59
CA GLN A 101 -5.50 -12.21 19.92
C GLN A 101 -6.97 -12.68 19.85
N GLY A 102 -7.28 -13.74 20.60
CA GLY A 102 -8.65 -14.33 20.58
C GLY A 102 -8.94 -15.29 19.46
N PHE A 103 -7.95 -15.51 18.60
CA PHE A 103 -8.15 -16.37 17.44
C PHE A 103 -6.88 -17.13 17.12
N GLU A 104 -6.03 -17.36 18.11
CA GLU A 104 -4.82 -18.12 17.84
C GLU A 104 -5.10 -19.56 17.41
N SER A 105 -4.34 -20.06 16.43
CA SER A 105 -4.42 -21.49 16.03
C SER A 105 -4.14 -22.37 17.24
N ALA A 106 -4.65 -23.59 17.19
CA ALA A 106 -4.44 -24.56 18.28
C ALA A 106 -2.96 -24.90 18.40
N THR A 107 -2.27 -24.89 17.26
CA THR A 107 -0.85 -25.18 17.26
C THR A 107 -0.17 -24.16 18.13
N PHE A 108 -0.44 -22.88 17.87
CA PHE A 108 0.17 -21.82 18.68
C PHE A 108 -0.22 -21.96 20.17
N LEU A 109 -1.49 -22.21 20.43
CA LEU A 109 -1.98 -22.29 21.83
C LEU A 109 -1.30 -23.45 22.53
N GLY A 110 -1.05 -24.53 21.76
CA GLY A 110 -0.33 -25.72 22.21
C GLY A 110 1.08 -25.47 22.70
N TYR A 111 1.72 -24.38 22.29
CA TYR A 111 3.08 -24.14 22.73
C TYR A 111 3.13 -23.81 24.19
N PHE A 112 1.99 -23.38 24.73
CA PHE A 112 2.01 -22.82 26.09
C PHE A 112 1.39 -23.80 27.09
N LYS A 113 2.28 -24.44 27.86
CA LYS A 113 1.88 -25.56 28.73
C LYS A 113 0.87 -25.23 29.84
N SER A 114 1.07 -24.12 30.54
CA SER A 114 0.01 -23.61 31.47
C SER A 114 -1.05 -22.69 30.83
N GLY A 115 -1.18 -22.74 29.50
CA GLY A 115 -2.16 -21.91 28.76
C GLY A 115 -1.63 -20.49 28.60
N LEU A 116 -1.82 -19.90 27.42
CA LEU A 116 -1.35 -18.53 27.25
C LEU A 116 -2.32 -17.57 27.96
N LYS A 117 -1.78 -16.47 28.45
CA LYS A 117 -2.52 -15.44 29.15
C LYS A 117 -2.36 -14.05 28.50
N TYR A 118 -3.44 -13.25 28.56
CA TYR A 118 -3.44 -11.84 28.14
C TYR A 118 -3.34 -10.88 29.32
N LYS A 119 -2.57 -9.80 29.12
CA LYS A 119 -2.50 -8.70 30.05
C LYS A 119 -2.46 -7.35 29.33
N LYS A 120 -3.21 -6.39 29.85
CA LYS A 120 -3.42 -5.08 29.24
C LYS A 120 -2.14 -4.28 29.25
N GLY A 121 -1.95 -3.43 28.23
CA GLY A 121 -0.79 -2.55 28.21
C GLY A 121 0.30 -2.97 27.22
N GLY A 122 1.50 -2.46 27.47
CA GLY A 122 2.65 -2.73 26.61
C GLY A 122 3.59 -1.55 26.41
N VAL A 123 4.51 -1.71 25.46
CA VAL A 123 5.46 -0.67 25.07
C VAL A 123 4.81 0.28 24.06
N ALA A 124 5.18 1.57 24.13
CA ALA A 124 4.55 2.59 23.31
C ALA A 124 4.95 2.48 21.82
N SER A 125 4.12 2.99 20.92
CA SER A 125 4.44 2.97 19.51
C SER A 125 5.80 3.63 19.22
N GLY A 126 6.51 3.14 18.20
CA GLY A 126 7.77 3.74 17.73
C GLY A 126 7.61 4.94 16.81
N PHE A 127 6.41 5.14 16.31
CA PHE A 127 6.08 6.29 15.48
C PHE A 127 6.36 7.59 16.23
N GLN B 6 18.34 9.14 9.45
CA GLN B 6 16.93 9.55 9.09
C GLN B 6 16.54 9.23 7.63
N ALA B 7 15.94 8.05 7.40
CA ALA B 7 15.57 7.69 6.04
C ALA B 7 14.37 8.50 5.56
N LEU B 8 14.23 8.68 4.25
CA LEU B 8 13.07 9.30 3.65
C LEU B 8 12.30 8.27 2.89
N VAL B 9 10.98 8.49 2.80
CA VAL B 9 10.11 7.57 2.10
C VAL B 9 9.35 8.29 1.00
N ILE B 10 9.54 7.85 -0.25
CA ILE B 10 8.87 8.46 -1.38
C ILE B 10 7.98 7.48 -2.14
N ASP B 11 6.69 7.73 -2.17
CA ASP B 11 5.76 6.94 -2.94
C ASP B 11 5.37 7.72 -4.19
N ASN B 12 5.93 7.31 -5.32
CA ASN B 12 5.66 7.95 -6.62
C ASN B 12 4.31 7.51 -7.18
N GLY B 13 3.25 8.25 -6.89
CA GLY B 13 1.94 7.83 -7.36
C GLY B 13 1.62 8.43 -8.72
N SER B 14 0.85 7.68 -9.51
CA SER B 14 0.38 8.13 -10.82
C SER B 14 -0.14 9.56 -10.79
N GLY B 15 -0.91 9.90 -9.77
CA GLY B 15 -1.46 11.23 -9.65
C GLY B 15 -0.75 12.02 -8.59
N MET B 16 -0.56 11.38 -7.43
CA MET B 16 -0.06 12.04 -6.26
C MET B 16 1.24 11.46 -5.77
N CYS B 17 2.18 12.34 -5.49
CA CYS B 17 3.40 11.87 -4.85
C CYS B 17 3.23 12.03 -3.34
N LYS B 18 3.53 10.99 -2.55
CA LYS B 18 3.47 11.05 -1.09
C LYS B 18 4.92 10.93 -0.60
N ALA B 19 5.38 11.88 0.23
CA ALA B 19 6.77 11.93 0.69
C ALA B 19 6.88 12.30 2.17
N GLY B 20 7.92 11.85 2.85
CA GLY B 20 7.91 11.93 4.30
C GLY B 20 9.16 11.30 4.89
N PHE B 21 9.14 11.10 6.20
CA PHE B 21 10.30 10.67 6.94
C PHE B 21 9.98 9.31 7.56
N ALA B 22 10.84 8.32 7.32
CA ALA B 22 10.69 7.02 7.96
C ALA B 22 10.47 7.27 9.47
N GLY B 23 9.45 6.64 10.07
CA GLY B 23 9.20 6.81 11.50
C GLY B 23 7.97 7.67 11.76
N ASP B 24 7.56 8.48 10.76
CA ASP B 24 6.36 9.25 10.90
C ASP B 24 5.20 8.33 10.51
N ASP B 25 4.03 8.57 11.09
CA ASP B 25 2.84 7.78 10.73
C ASP B 25 2.11 8.26 9.50
N ALA B 26 2.62 9.26 8.80
CA ALA B 26 1.90 9.80 7.63
C ALA B 26 2.86 10.60 6.81
N PRO B 27 2.58 10.69 5.50
CA PRO B 27 3.44 11.51 4.65
C PRO B 27 3.40 12.98 5.05
N ARG B 28 4.55 13.63 5.08
CA ARG B 28 4.61 15.05 5.37
C ARG B 28 4.14 15.87 4.15
N ALA B 29 4.24 15.32 2.95
CA ALA B 29 3.87 16.06 1.73
C ALA B 29 3.15 15.19 0.73
N VAL B 30 2.09 15.72 0.16
CA VAL B 30 1.31 15.00 -0.85
C VAL B 30 0.99 16.00 -1.95
N PHE B 31 1.51 15.79 -3.16
CA PHE B 31 1.34 16.78 -4.20
C PHE B 31 1.17 16.07 -5.52
N PRO B 32 0.55 16.75 -6.51
CA PRO B 32 0.33 16.14 -7.83
C PRO B 32 1.62 15.93 -8.61
N SER B 33 1.74 14.79 -9.29
CA SER B 33 2.97 14.46 -10.03
C SER B 33 2.87 15.13 -11.39
N ILE B 34 3.02 16.45 -11.39
CA ILE B 34 2.86 17.26 -12.59
C ILE B 34 4.06 18.19 -12.75
N VAL B 35 4.69 18.17 -13.92
CA VAL B 35 5.72 19.15 -14.26
C VAL B 35 5.23 20.14 -15.32
N GLY B 36 5.49 21.41 -15.06
CA GLY B 36 5.04 22.50 -15.91
C GLY B 36 6.22 23.23 -16.51
N ARG B 37 6.17 23.33 -17.83
CA ARG B 37 7.21 24.07 -18.51
C ARG B 37 6.61 25.26 -19.31
N PRO B 38 7.33 26.40 -19.32
CA PRO B 38 6.87 27.57 -20.07
C PRO B 38 6.58 27.21 -21.51
N ARG B 39 5.30 27.28 -21.86
CA ARG B 39 4.86 27.16 -23.23
C ARG B 39 5.82 27.84 -24.21
N HIS B 40 5.93 29.19 -24.08
CA HIS B 40 6.83 29.96 -24.95
C HIS B 40 8.04 30.39 -24.14
N THR B 41 9.21 29.90 -24.57
CA THR B 41 10.44 30.04 -23.77
C THR B 41 11.06 31.43 -23.93
N GLY B 42 11.65 31.92 -22.82
CA GLY B 42 12.52 33.12 -22.82
C GLY B 42 11.99 34.38 -23.49
N VAL B 43 10.69 34.68 -23.25
CA VAL B 43 10.04 35.93 -23.68
C VAL B 43 9.75 36.76 -22.41
N MET B 44 9.97 36.10 -21.26
CA MET B 44 9.71 36.70 -19.93
C MET B 44 10.64 36.11 -18.87
N ASP B 51 13.47 26.43 -17.23
CA ASP B 51 12.64 26.68 -16.04
C ASP B 51 11.50 25.67 -15.93
N SER B 52 11.10 25.38 -14.69
CA SER B 52 10.02 24.40 -14.47
C SER B 52 9.26 24.64 -13.17
N TYR B 53 8.06 24.06 -13.12
CA TYR B 53 7.22 24.07 -11.91
C TYR B 53 6.66 22.69 -11.66
N VAL B 54 6.59 22.33 -10.38
CA VAL B 54 6.03 21.03 -9.95
C VAL B 54 4.84 21.20 -8.98
N GLY B 55 3.82 20.35 -9.12
CA GLY B 55 2.83 20.21 -8.05
C GLY B 55 1.66 21.15 -8.21
N ASP B 56 1.23 21.75 -7.11
CA ASP B 56 0.13 22.75 -7.17
C ASP B 56 0.54 24.03 -7.91
N GLU B 57 1.73 24.55 -7.62
CA GLU B 57 2.23 25.71 -8.38
C GLU B 57 2.13 25.51 -9.92
N ALA B 58 2.47 24.32 -10.41
CA ALA B 58 2.32 24.01 -11.85
C ALA B 58 0.86 24.04 -12.28
N GLN B 59 -0.02 23.50 -11.44
CA GLN B 59 -1.47 23.60 -11.70
C GLN B 59 -2.04 25.06 -11.73
N SER B 60 -1.83 25.83 -10.65
CA SER B 60 -2.11 27.29 -10.61
C SER B 60 -1.73 28.06 -11.88
N LYS B 61 -0.52 27.78 -12.40
CA LYS B 61 0.07 28.51 -13.52
C LYS B 61 -0.10 27.76 -14.83
N ARG B 62 -1.09 26.89 -14.92
CA ARG B 62 -1.19 25.99 -16.05
C ARG B 62 -1.58 26.71 -17.31
N GLY B 63 -2.26 27.85 -17.17
CA GLY B 63 -2.65 28.69 -18.32
C GLY B 63 -1.45 29.15 -19.14
N ILE B 64 -0.33 29.43 -18.48
CA ILE B 64 0.94 29.78 -19.14
C ILE B 64 1.99 28.67 -19.19
N LEU B 65 1.65 27.44 -18.72
CA LEU B 65 2.57 26.30 -18.79
C LEU B 65 2.16 25.16 -19.75
N THR B 66 3.15 24.38 -20.20
CA THR B 66 2.89 23.05 -20.77
C THR B 66 3.16 22.03 -19.67
N LEU B 67 2.13 21.27 -19.32
CA LEU B 67 2.16 20.39 -18.18
C LEU B 67 2.39 18.99 -18.66
N LYS B 68 3.37 18.33 -18.02
CA LYS B 68 3.57 16.91 -18.24
C LYS B 68 3.30 16.08 -17.01
N TYR B 69 2.82 14.86 -17.27
CA TYR B 69 2.55 13.84 -16.27
C TYR B 69 3.52 12.65 -16.52
N PRO B 70 4.69 12.67 -15.85
CA PRO B 70 5.77 11.72 -16.12
C PRO B 70 5.51 10.28 -15.65
N ILE B 71 4.42 10.04 -14.91
CA ILE B 71 4.08 8.71 -14.46
C ILE B 71 2.60 8.47 -14.53
N GLU B 72 1.92 8.79 -15.62
CA GLU B 72 0.45 8.71 -15.51
C GLU B 72 -0.11 7.31 -15.27
N HIC B 73 0.65 6.26 -15.61
CA HIC B 73 0.15 4.91 -15.31
C HIC B 73 0.97 4.07 -14.33
O HIC B 73 0.82 2.84 -14.31
CB HIC B 73 -0.28 4.09 -16.54
CG HIC B 73 -1.21 4.92 -17.43
ND1 HIC B 73 -2.48 5.37 -17.10
CD2 HIC B 73 -0.91 5.35 -18.72
CE1 HIC B 73 -3.06 6.09 -18.12
NE2 HIC B 73 -2.10 6.06 -19.22
CZ HIC B 73 -1.84 7.36 -19.86
N GLY B 74 1.82 4.72 -13.53
CA GLY B 74 2.55 4.06 -12.44
C GLY B 74 4.01 3.86 -12.81
N ILE B 75 4.27 3.92 -14.13
CA ILE B 75 5.58 3.68 -14.72
C ILE B 75 6.13 5.01 -15.24
N VAL B 76 7.41 5.27 -14.99
CA VAL B 76 8.00 6.47 -15.50
C VAL B 76 8.14 6.54 -17.02
N THR B 77 7.47 7.50 -17.65
CA THR B 77 7.66 7.73 -19.07
C THR B 77 8.63 8.85 -19.46
N ASN B 78 9.12 9.62 -18.50
CA ASN B 78 10.03 10.72 -18.82
C ASN B 78 10.94 11.00 -17.66
N TRP B 79 12.23 10.80 -17.87
CA TRP B 79 13.17 10.92 -16.78
C TRP B 79 13.61 12.34 -16.41
N ASP B 80 13.65 13.28 -17.36
CA ASP B 80 13.92 14.68 -16.99
C ASP B 80 12.80 15.22 -16.11
N ASP B 81 11.55 14.92 -16.47
CA ASP B 81 10.41 15.35 -15.64
C ASP B 81 10.32 14.64 -14.28
N MET B 82 10.59 13.32 -14.25
CA MET B 82 10.69 12.62 -12.96
C MET B 82 11.77 13.21 -12.04
N GLU B 83 12.90 13.57 -12.64
CA GLU B 83 13.97 14.20 -11.88
C GLU B 83 13.52 15.53 -11.27
N LYS B 84 12.73 16.30 -12.02
CA LYS B 84 12.17 17.57 -11.51
C LYS B 84 11.28 17.27 -10.33
N ILE B 85 10.37 16.31 -10.48
CA ILE B 85 9.54 15.84 -9.34
C ILE B 85 10.38 15.48 -8.12
N TRP B 86 11.48 14.75 -8.31
CA TRP B 86 12.30 14.39 -7.13
C TRP B 86 13.03 15.58 -6.49
N HIS B 87 13.47 16.49 -7.35
CA HIS B 87 14.15 17.69 -6.89
C HIS B 87 13.14 18.48 -6.05
N HIS B 88 11.92 18.65 -6.57
CA HIS B 88 10.87 19.33 -5.81
C HIS B 88 10.55 18.60 -4.51
N THR B 89 10.44 17.27 -4.57
CA THR B 89 10.24 16.47 -3.35
C THR B 89 11.31 16.77 -2.31
N PHE B 90 12.57 16.62 -2.70
CA PHE B 90 13.67 16.91 -1.75
C PHE B 90 13.76 18.34 -1.21
N TYR B 91 13.69 19.34 -2.08
CA TYR B 91 14.08 20.74 -1.78
C TYR B 91 12.91 21.62 -1.41
N ASN B 92 11.81 21.52 -2.16
CA ASN B 92 10.59 22.25 -1.83
C ASN B 92 9.70 21.59 -0.81
N GLU B 93 9.45 20.29 -0.97
CA GLU B 93 8.50 19.67 -0.08
C GLU B 93 9.13 19.24 1.24
N LEU B 94 10.19 18.42 1.22
CA LEU B 94 10.74 17.90 2.51
C LEU B 94 11.82 18.82 3.10
N ARG B 95 12.35 19.68 2.23
CA ARG B 95 13.44 20.59 2.62
C ARG B 95 14.58 19.83 3.29
N VAL B 96 15.19 18.92 2.55
CA VAL B 96 16.32 18.16 3.09
C VAL B 96 17.45 18.27 2.11
N ALA B 97 18.67 17.92 2.55
CA ALA B 97 19.76 17.64 1.60
C ALA B 97 19.82 16.13 1.41
N PRO B 98 19.45 15.66 0.21
CA PRO B 98 19.30 14.27 -0.22
C PRO B 98 20.56 13.43 -0.04
N GLU B 99 21.72 14.07 -0.14
CA GLU B 99 23.03 13.44 0.10
C GLU B 99 23.19 13.03 1.55
N GLU B 100 22.26 13.42 2.41
CA GLU B 100 22.35 13.11 3.86
C GLU B 100 21.40 11.97 4.32
N HIS B 101 20.48 11.55 3.44
CA HIS B 101 19.40 10.63 3.81
C HIS B 101 19.32 9.36 2.94
N PRO B 102 19.24 8.19 3.60
CA PRO B 102 18.82 6.99 2.89
C PRO B 102 17.47 7.29 2.30
N VAL B 103 17.20 6.80 1.10
CA VAL B 103 15.91 7.09 0.50
C VAL B 103 15.25 5.79 0.05
N LEU B 104 14.05 5.52 0.58
CA LEU B 104 13.22 4.43 0.04
C LEU B 104 12.21 4.97 -0.95
N LEU B 105 12.16 4.31 -2.09
CA LEU B 105 11.30 4.66 -3.20
C LEU B 105 10.40 3.47 -3.51
N THR B 106 9.20 3.72 -3.99
CA THR B 106 8.29 2.64 -4.26
C THR B 106 8.19 2.49 -5.78
N GLU B 107 7.74 1.32 -6.24
CA GLU B 107 7.55 1.03 -7.66
C GLU B 107 6.33 0.13 -7.84
N ALA B 108 5.85 -0.01 -9.07
CA ALA B 108 4.80 -0.99 -9.37
C ALA B 108 5.41 -2.39 -9.38
N ALA B 109 4.60 -3.43 -9.20
CA ALA B 109 5.14 -4.82 -9.07
C ALA B 109 5.89 -5.28 -10.31
N LEU B 110 5.38 -4.85 -11.48
CA LEU B 110 5.93 -5.20 -12.80
C LEU B 110 6.69 -4.02 -13.44
N ASN B 111 7.48 -3.34 -12.62
CA ASN B 111 8.16 -2.16 -13.07
C ASN B 111 9.27 -2.64 -13.99
N PRO B 112 9.36 -2.12 -15.26
CA PRO B 112 10.39 -2.65 -16.17
C PRO B 112 11.78 -2.59 -15.59
N LYS B 113 12.57 -3.58 -15.95
CA LYS B 113 13.91 -3.74 -15.45
C LYS B 113 14.82 -2.51 -15.69
N ALA B 114 14.71 -1.90 -16.88
CA ALA B 114 15.45 -0.65 -17.17
C ALA B 114 15.02 0.53 -16.29
N ASN B 115 13.73 0.61 -15.93
CA ASN B 115 13.25 1.64 -15.00
C ASN B 115 13.81 1.56 -13.61
N ARG B 116 13.87 0.36 -13.03
CA ARG B 116 14.44 0.20 -11.67
C ARG B 116 15.89 0.67 -11.68
N GLU B 117 16.62 0.43 -12.80
CA GLU B 117 18.06 0.75 -12.87
C GLU B 117 18.26 2.23 -13.02
N LYS B 118 17.42 2.84 -13.86
CA LYS B 118 17.40 4.28 -14.05
C LYS B 118 17.11 5.07 -12.75
N MET B 119 16.13 4.60 -11.98
CA MET B 119 15.75 5.22 -10.72
C MET B 119 16.95 5.21 -9.81
N THR B 120 17.67 4.08 -9.84
CA THR B 120 18.82 3.85 -8.96
C THR B 120 19.97 4.76 -9.34
N GLN B 121 20.31 4.75 -10.62
CA GLN B 121 21.27 5.69 -11.26
C GLN B 121 21.03 7.17 -10.90
N ILE B 122 19.80 7.64 -11.14
CA ILE B 122 19.39 9.00 -10.79
C ILE B 122 19.64 9.30 -9.33
N MET B 123 19.24 8.41 -8.42
CA MET B 123 19.45 8.70 -6.97
C MET B 123 20.92 8.87 -6.60
N PHE B 124 21.74 7.93 -7.04
CA PHE B 124 23.13 7.96 -6.66
C PHE B 124 23.89 9.08 -7.44
N GLU B 125 23.62 9.22 -8.72
CA GLU B 125 24.44 10.10 -9.58
C GLU B 125 24.00 11.56 -9.63
N THR B 126 22.68 11.75 -9.65
CA THR B 126 22.07 13.05 -9.61
C THR B 126 21.90 13.55 -8.17
N PHE B 127 21.31 12.75 -7.27
CA PHE B 127 21.04 13.29 -5.95
C PHE B 127 22.05 12.91 -4.90
N ASN B 128 23.03 12.12 -5.32
CA ASN B 128 24.11 11.67 -4.41
C ASN B 128 23.64 11.01 -3.09
N THR B 129 22.55 10.21 -3.14
CA THR B 129 22.02 9.63 -1.92
C THR B 129 23.08 8.69 -1.34
N PRO B 130 23.23 8.62 0.01
CA PRO B 130 24.18 7.70 0.57
C PRO B 130 23.67 6.24 0.49
N ALA B 131 22.34 6.07 0.44
CA ALA B 131 21.69 4.74 0.46
C ALA B 131 20.33 4.88 -0.18
N MET B 132 19.87 3.81 -0.81
CA MET B 132 18.56 3.79 -1.39
C MET B 132 18.07 2.36 -1.52
N TYR B 133 16.77 2.24 -1.71
CA TYR B 133 16.09 0.95 -1.76
C TYR B 133 14.82 1.13 -2.58
N VAL B 134 14.48 0.14 -3.42
CA VAL B 134 13.22 0.18 -4.14
C VAL B 134 12.29 -0.93 -3.64
N ALA B 135 11.02 -0.58 -3.35
CA ALA B 135 10.05 -1.51 -2.81
C ALA B 135 8.77 -1.50 -3.62
N ILE B 136 8.16 -2.67 -3.75
CA ILE B 136 6.90 -2.82 -4.41
C ILE B 136 5.75 -2.31 -3.53
N GLN B 137 4.95 -1.40 -4.07
CA GLN B 137 3.87 -0.76 -3.38
C GLN B 137 2.92 -1.70 -2.69
N ALA B 138 2.40 -2.67 -3.43
CA ALA B 138 1.39 -3.61 -2.89
C ALA B 138 1.95 -4.36 -1.67
N VAL B 139 3.22 -4.72 -1.70
CA VAL B 139 3.80 -5.43 -0.58
C VAL B 139 3.85 -4.46 0.60
N LEU B 140 4.17 -3.19 0.34
CA LEU B 140 4.17 -2.19 1.40
C LEU B 140 2.81 -2.01 2.07
N SER B 141 1.71 -2.05 1.31
CA SER B 141 0.35 -1.92 1.89
C SER B 141 0.06 -3.13 2.74
N LEU B 142 0.39 -4.32 2.24
CA LEU B 142 0.22 -5.58 2.99
C LEU B 142 0.89 -5.54 4.35
N TYR B 143 2.16 -5.13 4.37
CA TYR B 143 2.86 -4.97 5.61
C TYR B 143 2.16 -4.01 6.55
N ALA B 144 1.69 -2.88 6.00
CA ALA B 144 1.08 -1.80 6.81
C ALA B 144 -0.18 -2.33 7.45
N SER B 145 -0.76 -3.34 6.82
CA SER B 145 -1.92 -3.99 7.38
C SER B 145 -1.56 -5.16 8.31
N GLY B 146 -0.29 -5.35 8.65
CA GLY B 146 0.09 -6.40 9.60
C GLY B 146 -0.01 -7.85 9.11
N ARG B 147 0.19 -8.05 7.81
CA ARG B 147 0.11 -9.33 7.07
C ARG B 147 1.37 -9.59 6.22
N THR B 148 1.65 -10.89 6.00
CA THR B 148 2.68 -11.34 5.07
C THR B 148 2.09 -12.07 3.87
N THR B 149 0.81 -12.43 3.94
CA THR B 149 0.06 -13.10 2.85
C THR B 149 -1.32 -12.44 2.65
N GLY B 150 -1.74 -12.27 1.40
CA GLY B 150 -3.00 -11.61 1.14
C GLY B 150 -2.97 -11.16 -0.29
N ILE B 151 -4.08 -10.68 -0.80
CA ILE B 151 -4.10 -10.10 -2.14
C ILE B 151 -4.42 -8.62 -2.00
N VAL B 152 -3.61 -7.77 -2.59
CA VAL B 152 -3.83 -6.37 -2.45
C VAL B 152 -4.60 -5.87 -3.67
N MET B 153 -5.75 -5.21 -3.43
CA MET B 153 -6.45 -4.49 -4.51
C MET B 153 -6.12 -3.00 -4.38
N ASP B 154 -5.16 -2.51 -5.15
CA ASP B 154 -4.76 -1.09 -5.11
C ASP B 154 -5.35 -0.32 -6.26
N SER B 155 -6.16 0.69 -5.93
CA SER B 155 -6.69 1.57 -6.94
C SER B 155 -6.32 3.03 -6.65
N GLY B 156 -5.51 3.65 -7.50
CA GLY B 156 -5.08 5.01 -7.28
C GLY B 156 -5.67 5.98 -8.30
N ASP B 157 -4.80 6.79 -8.87
CA ASP B 157 -5.25 7.84 -9.71
C ASP B 157 -5.30 7.47 -11.20
N GLY B 158 -4.19 6.98 -11.74
CA GLY B 158 -4.15 6.55 -13.15
C GLY B 158 -3.91 5.05 -13.36
N VAL B 159 -3.96 4.25 -12.28
CA VAL B 159 -3.65 2.82 -12.34
C VAL B 159 -4.19 2.02 -11.14
N SER B 160 -4.71 0.82 -11.45
CA SER B 160 -5.24 -0.13 -10.47
C SER B 160 -4.62 -1.46 -10.74
N HIS B 161 -4.36 -2.22 -9.66
CA HIS B 161 -3.78 -3.56 -9.77
C HIS B 161 -4.27 -4.45 -8.67
N THR B 162 -4.26 -5.76 -8.94
CA THR B 162 -4.45 -6.79 -7.95
C THR B 162 -3.13 -7.58 -7.83
N VAL B 163 -2.53 -7.58 -6.62
CA VAL B 163 -1.25 -8.20 -6.42
C VAL B 163 -1.33 -9.22 -5.28
N PRO B 164 -1.37 -10.53 -5.66
CA PRO B 164 -1.35 -11.61 -4.67
C PRO B 164 0.02 -11.73 -4.06
N ILE B 165 0.06 -11.85 -2.73
CA ILE B 165 1.34 -11.90 -2.02
C ILE B 165 1.32 -13.11 -1.09
N TYR B 166 2.37 -13.91 -1.13
CA TYR B 166 2.44 -15.09 -0.27
C TYR B 166 3.68 -15.04 0.57
N GLU B 167 3.49 -15.03 1.88
CA GLU B 167 4.60 -15.06 2.79
C GLU B 167 5.64 -14.00 2.45
N GLY B 168 5.20 -12.80 2.06
CA GLY B 168 6.10 -11.62 2.00
C GLY B 168 6.45 -11.13 0.61
N TYR B 169 6.17 -11.95 -0.41
CA TYR B 169 6.62 -11.70 -1.80
C TYR B 169 5.46 -11.80 -2.76
N ALA B 170 5.36 -10.83 -3.66
CA ALA B 170 4.35 -10.87 -4.71
C ALA B 170 4.57 -12.08 -5.67
N LEU B 171 3.46 -12.58 -6.21
CA LEU B 171 3.41 -13.62 -7.23
C LEU B 171 3.19 -12.96 -8.60
N PRO B 172 4.27 -12.58 -9.31
CA PRO B 172 4.18 -11.79 -10.53
C PRO B 172 3.24 -12.34 -11.62
N HIS B 173 3.22 -13.66 -11.81
CA HIS B 173 2.42 -14.30 -12.87
C HIS B 173 0.93 -14.13 -12.58
N ALA B 174 0.55 -13.73 -11.36
CA ALA B 174 -0.87 -13.62 -11.02
C ALA B 174 -1.38 -12.19 -10.89
N ILE B 175 -0.51 -11.23 -11.18
CA ILE B 175 -0.83 -9.81 -11.09
C ILE B 175 -1.66 -9.35 -12.27
N LEU B 176 -2.80 -8.73 -11.97
CA LEU B 176 -3.69 -8.18 -12.99
C LEU B 176 -3.73 -6.65 -12.89
N ARG B 177 -3.64 -6.01 -14.06
CA ARG B 177 -3.66 -4.56 -14.19
C ARG B 177 -5.06 -4.20 -14.60
N LEU B 178 -5.89 -3.82 -13.65
CA LEU B 178 -7.28 -3.40 -13.89
C LEU B 178 -7.32 -2.03 -14.54
N ASP B 179 -8.26 -1.85 -15.44
CA ASP B 179 -8.07 -0.85 -16.49
C ASP B 179 -8.48 0.62 -16.14
N LEU B 180 -9.25 0.81 -15.07
CA LEU B 180 -9.57 2.19 -14.67
C LEU B 180 -9.15 2.61 -13.24
N ALA B 181 -9.11 3.91 -12.99
CA ALA B 181 -8.77 4.42 -11.67
C ALA B 181 -9.52 5.73 -11.34
N GLY B 182 -8.90 6.59 -10.53
CA GLY B 182 -9.53 7.81 -10.07
C GLY B 182 -9.87 8.80 -11.16
N ARG B 183 -8.89 9.13 -11.99
CA ARG B 183 -9.10 9.99 -13.16
C ARG B 183 -10.33 9.61 -13.97
N ASP B 184 -10.42 8.33 -14.35
CA ASP B 184 -11.57 7.84 -15.09
C ASP B 184 -12.87 8.09 -14.35
N LEU B 185 -12.87 8.00 -13.03
CA LEU B 185 -14.07 8.13 -12.23
C LEU B 185 -14.47 9.59 -12.12
N THR B 186 -13.47 10.48 -12.11
CA THR B 186 -13.69 11.92 -12.10
C THR B 186 -14.30 12.34 -13.46
N ASP B 187 -13.67 11.88 -14.55
CA ASP B 187 -14.17 12.12 -15.90
C ASP B 187 -15.61 11.66 -15.97
N TYR B 188 -15.88 10.49 -15.42
CA TYR B 188 -17.23 9.91 -15.48
C TYR B 188 -18.25 10.64 -14.62
N MET B 189 -17.83 11.13 -13.45
CA MET B 189 -18.69 11.96 -12.60
C MET B 189 -19.05 13.26 -13.34
N MET B 190 -18.08 13.89 -13.99
CA MET B 190 -18.34 15.06 -14.80
C MET B 190 -19.41 14.84 -15.88
N LYS B 191 -19.22 13.82 -16.69
CA LYS B 191 -20.18 13.44 -17.72
C LYS B 191 -21.59 13.15 -17.21
N ILE B 192 -21.74 12.42 -16.12
CA ILE B 192 -23.11 12.13 -15.65
C ILE B 192 -23.83 13.33 -14.99
N LEU B 193 -23.05 14.30 -14.48
CA LEU B 193 -23.54 15.56 -13.93
C LEU B 193 -23.97 16.51 -15.04
N THR B 194 -23.22 16.49 -16.14
CA THR B 194 -23.55 17.25 -17.31
C THR B 194 -24.90 16.77 -17.86
N GLU B 195 -24.97 15.52 -18.30
CA GLU B 195 -26.23 14.82 -18.57
C GLU B 195 -27.42 15.08 -17.64
N ARG B 196 -27.18 15.20 -16.35
CA ARG B 196 -28.27 15.51 -15.40
C ARG B 196 -28.80 16.96 -15.55
N GLY B 197 -28.00 17.81 -16.20
CA GLY B 197 -28.39 19.19 -16.43
C GLY B 197 -27.32 20.22 -16.09
N TYR B 198 -26.23 19.81 -15.41
CA TYR B 198 -25.29 20.77 -14.86
C TYR B 198 -24.21 21.10 -15.87
N SER B 199 -23.50 22.20 -15.65
CA SER B 199 -22.44 22.59 -16.59
C SER B 199 -21.20 23.03 -15.81
N PHE B 200 -20.04 22.47 -16.16
CA PHE B 200 -18.82 22.79 -15.42
C PHE B 200 -17.82 23.36 -16.40
N THR B 201 -17.71 24.70 -16.41
CA THR B 201 -17.00 25.38 -17.50
C THR B 201 -15.79 26.20 -17.04
N THR B 202 -15.59 26.33 -15.73
CA THR B 202 -14.42 27.05 -15.25
C THR B 202 -13.17 26.21 -15.33
N THR B 203 -12.03 26.83 -15.04
CA THR B 203 -10.78 26.10 -15.11
C THR B 203 -10.73 25.11 -13.93
N ALA B 204 -11.52 25.40 -12.89
CA ALA B 204 -11.65 24.54 -11.69
C ALA B 204 -12.71 23.40 -11.80
N ALA B 205 -13.14 23.11 -13.04
CA ALA B 205 -14.12 22.07 -13.34
C ALA B 205 -13.74 20.65 -12.83
N ALA B 206 -12.61 20.13 -13.30
CA ALA B 206 -11.98 18.89 -12.77
C ALA B 206 -11.94 18.81 -11.24
N ALA B 207 -11.32 19.84 -10.64
CA ALA B 207 -11.25 19.94 -9.20
C ALA B 207 -12.62 19.95 -8.52
N ILE B 208 -13.64 20.48 -9.16
CA ILE B 208 -14.92 20.66 -8.46
C ILE B 208 -15.53 19.29 -8.44
N VAL B 209 -15.47 18.63 -9.59
CA VAL B 209 -16.08 17.33 -9.77
C VAL B 209 -15.31 16.18 -9.00
N ARG B 210 -13.99 16.28 -8.98
CA ARG B 210 -13.14 15.45 -8.12
C ARG B 210 -13.53 15.53 -6.67
N ASP B 211 -13.79 16.76 -6.21
CA ASP B 211 -14.18 16.99 -4.85
C ASP B 211 -15.61 16.48 -4.57
N ILE B 212 -16.54 16.69 -5.51
CA ILE B 212 -17.86 16.06 -5.36
C ILE B 212 -17.73 14.53 -5.22
N LYS B 213 -16.96 13.89 -6.13
CA LYS B 213 -16.57 12.48 -6.04
C LYS B 213 -16.04 12.09 -4.65
N GLU B 214 -15.12 12.89 -4.10
CA GLU B 214 -14.43 12.51 -2.86
C GLU B 214 -15.28 12.70 -1.63
N LYS B 215 -16.26 13.58 -1.72
CA LYS B 215 -17.02 13.99 -0.51
C LYS B 215 -18.37 13.34 -0.50
N LEU B 216 -18.93 13.08 -1.69
CA LEU B 216 -20.32 12.61 -1.75
C LEU B 216 -20.60 11.19 -2.32
N ALA B 217 -19.70 10.67 -3.16
CA ALA B 217 -19.86 9.35 -3.76
C ALA B 217 -19.86 8.20 -2.76
N TYR B 218 -20.56 7.13 -3.07
CA TYR B 218 -20.52 5.95 -2.22
C TYR B 218 -20.79 4.79 -3.13
N VAL B 219 -20.46 3.59 -2.66
CA VAL B 219 -20.66 2.37 -3.43
C VAL B 219 -21.94 1.67 -2.90
N ALA B 220 -22.91 1.44 -3.79
CA ALA B 220 -24.18 0.76 -3.46
C ALA B 220 -23.99 -0.75 -3.22
N LEU B 221 -24.52 -1.23 -2.10
CA LEU B 221 -24.49 -2.64 -1.80
C LEU B 221 -25.27 -3.46 -2.84
N ASP B 222 -26.37 -2.89 -3.33
CA ASP B 222 -27.24 -3.49 -4.37
C ASP B 222 -27.63 -2.33 -5.27
N PHE B 223 -26.97 -2.24 -6.41
CA PHE B 223 -27.05 -1.10 -7.31
C PHE B 223 -28.41 -0.83 -7.93
N GLU B 224 -29.15 -1.86 -8.30
CA GLU B 224 -30.46 -1.64 -8.94
C GLU B 224 -31.45 -1.23 -7.86
N ALA B 225 -31.35 -1.84 -6.69
CA ALA B 225 -32.22 -1.45 -5.60
C ALA B 225 -31.97 0.01 -5.22
N GLU B 226 -30.72 0.47 -5.38
CA GLU B 226 -30.37 1.89 -5.10
C GLU B 226 -30.91 2.81 -6.15
N MET B 227 -30.78 2.40 -7.41
CA MET B 227 -31.33 3.15 -8.52
C MET B 227 -32.84 3.38 -8.31
N GLN B 228 -33.54 2.33 -7.87
CA GLN B 228 -34.95 2.41 -7.52
C GLN B 228 -35.22 3.30 -6.34
N THR B 229 -34.54 3.09 -5.21
CA THR B 229 -34.71 3.98 -4.05
C THR B 229 -34.58 5.47 -4.42
N ALA B 230 -33.74 5.74 -5.42
CA ALA B 230 -33.34 7.09 -5.81
C ALA B 230 -34.33 7.70 -6.79
N ALA B 231 -34.84 6.83 -7.67
CA ALA B 231 -35.86 7.19 -8.64
C ALA B 231 -37.23 7.35 -7.99
N SER B 232 -37.38 6.88 -6.76
CA SER B 232 -38.69 6.83 -6.12
C SER B 232 -38.84 7.86 -5.00
N SER B 233 -37.71 8.41 -4.54
CA SER B 233 -37.67 9.26 -3.35
C SER B 233 -36.69 10.43 -3.51
N SER B 234 -36.32 11.06 -2.38
CA SER B 234 -35.31 12.12 -2.40
C SER B 234 -34.26 11.92 -1.27
N ALA B 235 -34.40 10.83 -0.52
CA ALA B 235 -33.62 10.56 0.69
C ALA B 235 -32.15 10.21 0.43
N LEU B 236 -31.77 10.04 -0.84
CA LEU B 236 -30.37 9.77 -1.17
C LEU B 236 -29.62 11.02 -1.67
N GLU B 237 -30.32 12.13 -1.80
CA GLU B 237 -29.78 13.26 -2.52
C GLU B 237 -28.99 14.14 -1.58
N LYS B 238 -27.99 14.82 -2.15
CA LYS B 238 -27.13 15.70 -1.33
C LYS B 238 -26.89 17.03 -1.99
N SER B 239 -26.81 18.09 -1.18
CA SER B 239 -26.49 19.44 -1.71
C SER B 239 -25.00 19.62 -1.78
N TYR B 240 -24.54 20.35 -2.79
CA TYR B 240 -23.15 20.66 -2.88
C TYR B 240 -22.99 22.10 -3.28
N GLU B 241 -22.16 22.81 -2.53
CA GLU B 241 -21.96 24.22 -2.76
C GLU B 241 -20.76 24.46 -3.60
N LEU B 242 -20.99 25.05 -4.76
CA LEU B 242 -19.91 25.34 -5.70
C LEU B 242 -18.99 26.50 -5.22
N PRO B 243 -17.77 26.63 -5.81
CA PRO B 243 -16.91 27.78 -5.48
C PRO B 243 -17.63 29.13 -5.43
N ASP B 244 -18.58 29.34 -6.34
CA ASP B 244 -19.27 30.63 -6.41
C ASP B 244 -20.51 30.70 -5.54
N GLY B 245 -20.68 29.79 -4.59
CA GLY B 245 -21.90 29.76 -3.79
C GLY B 245 -23.16 29.14 -4.38
N GLN B 246 -23.17 28.86 -5.68
CA GLN B 246 -24.31 28.14 -6.26
C GLN B 246 -24.38 26.72 -5.70
N VAL B 247 -25.56 26.30 -5.28
CA VAL B 247 -25.75 25.00 -4.65
C VAL B 247 -26.37 24.05 -5.67
N ILE B 248 -25.72 22.91 -5.89
CA ILE B 248 -26.31 21.90 -6.76
C ILE B 248 -26.65 20.60 -6.03
N THR B 249 -27.55 19.80 -6.62
CA THR B 249 -28.01 18.53 -6.05
C THR B 249 -27.41 17.30 -6.78
N ILE B 250 -26.95 16.34 -5.96
CA ILE B 250 -26.25 15.14 -6.42
C ILE B 250 -27.13 13.98 -6.02
N GLY B 251 -27.61 13.27 -7.04
CA GLY B 251 -28.59 12.23 -6.81
C GLY B 251 -27.93 10.89 -6.94
N ASN B 252 -28.21 10.21 -8.06
CA ASN B 252 -27.78 8.83 -8.19
C ASN B 252 -26.33 8.80 -8.66
N GLU B 253 -25.88 9.96 -9.12
CA GLU B 253 -24.52 10.14 -9.49
C GLU B 253 -23.58 9.73 -8.35
N ARG B 254 -24.05 9.82 -7.11
CA ARG B 254 -23.27 9.51 -5.90
C ARG B 254 -22.80 8.07 -5.93
N PHE B 255 -23.68 7.13 -6.31
CA PHE B 255 -23.30 5.73 -6.39
C PHE B 255 -23.01 5.17 -7.80
N ARG B 256 -23.48 5.87 -8.82
CA ARG B 256 -23.29 5.43 -10.20
C ARG B 256 -21.84 5.64 -10.59
N CYS B 257 -21.24 6.65 -10.00
CA CYS B 257 -19.90 6.99 -10.43
C CYS B 257 -18.89 5.85 -10.02
N PRO B 258 -18.81 5.53 -8.71
CA PRO B 258 -17.94 4.42 -8.33
C PRO B 258 -18.39 3.02 -8.81
N GLU B 259 -19.69 2.81 -9.03
CA GLU B 259 -20.15 1.61 -9.73
C GLU B 259 -19.36 1.23 -10.97
N ALA B 260 -18.87 2.20 -11.74
CA ALA B 260 -18.00 1.89 -12.88
C ALA B 260 -16.79 1.01 -12.49
N LEU B 261 -16.49 0.96 -11.19
CA LEU B 261 -15.37 0.14 -10.72
C LEU B 261 -15.78 -1.32 -10.85
N PHE B 262 -17.01 -1.60 -10.47
CA PHE B 262 -17.61 -2.90 -10.61
C PHE B 262 -18.17 -3.20 -12.02
N GLN B 263 -18.55 -2.17 -12.79
CA GLN B 263 -19.07 -2.31 -14.18
C GLN B 263 -18.35 -1.33 -15.09
N PRO B 264 -17.13 -1.70 -15.54
CA PRO B 264 -16.33 -0.88 -16.43
C PRO B 264 -17.08 -0.51 -17.72
N SER B 265 -18.13 -1.27 -18.03
CA SER B 265 -18.91 -1.06 -19.24
C SER B 265 -19.48 0.37 -19.27
N PHE B 266 -19.83 0.90 -18.10
CA PHE B 266 -20.27 2.30 -17.96
C PHE B 266 -19.34 3.27 -18.64
N LEU B 267 -18.11 2.85 -18.88
CA LEU B 267 -17.09 3.72 -19.48
C LEU B 267 -16.76 3.28 -20.89
N GLY B 268 -17.65 2.43 -21.44
CA GLY B 268 -17.40 1.72 -22.70
C GLY B 268 -16.12 0.90 -22.64
N MET B 269 -16.01 0.07 -21.61
CA MET B 269 -14.83 -0.74 -21.42
C MET B 269 -15.23 -2.20 -21.33
N GLU B 270 -14.43 -3.04 -21.97
CA GLU B 270 -14.72 -4.47 -22.08
C GLU B 270 -14.16 -5.20 -20.87
N SER B 271 -13.26 -4.53 -20.15
CA SER B 271 -12.58 -5.12 -18.99
C SER B 271 -13.45 -5.62 -17.85
N ALA B 272 -12.90 -6.58 -17.10
CA ALA B 272 -13.51 -7.09 -15.88
C ALA B 272 -13.43 -6.00 -14.80
N GLY B 273 -14.41 -6.01 -13.91
CA GLY B 273 -14.44 -5.07 -12.81
C GLY B 273 -13.51 -5.49 -11.70
N ILE B 274 -13.43 -4.67 -10.64
CA ILE B 274 -12.46 -4.87 -9.57
C ILE B 274 -12.68 -6.16 -8.78
N HIS B 275 -13.92 -6.54 -8.51
CA HIS B 275 -14.20 -7.81 -7.82
C HIS B 275 -13.72 -9.04 -8.64
N GLU B 276 -13.91 -8.95 -9.95
CA GLU B 276 -13.60 -10.02 -10.90
C GLU B 276 -12.12 -10.10 -11.21
N THR B 277 -11.50 -8.94 -11.32
CA THR B 277 -10.06 -8.87 -11.48
C THR B 277 -9.41 -9.51 -10.26
N THR B 278 -10.06 -9.40 -9.12
CA THR B 278 -9.53 -9.87 -7.87
C THR B 278 -9.57 -11.36 -7.82
N TYR B 279 -10.78 -11.92 -8.04
CA TYR B 279 -11.02 -13.33 -8.32
C TYR B 279 -10.00 -13.96 -9.28
N ASN B 280 -9.90 -13.42 -10.47
CA ASN B 280 -9.04 -13.91 -11.52
C ASN B 280 -7.59 -14.05 -11.10
N SER B 281 -7.10 -13.07 -10.34
CA SER B 281 -5.77 -13.14 -9.74
C SER B 281 -5.68 -14.29 -8.76
N ILE B 282 -6.65 -14.42 -7.87
CA ILE B 282 -6.62 -15.51 -6.88
C ILE B 282 -6.54 -16.86 -7.63
N MET B 283 -7.32 -16.98 -8.70
CA MET B 283 -7.35 -18.17 -9.57
C MET B 283 -6.06 -18.43 -10.35
N LYS B 284 -5.14 -17.47 -10.42
CA LYS B 284 -3.88 -17.70 -11.12
C LYS B 284 -2.81 -18.18 -10.17
N CYS B 285 -3.23 -18.43 -8.94
CA CYS B 285 -2.31 -18.77 -7.84
C CYS B 285 -2.45 -20.25 -7.46
N ASP B 286 -1.36 -20.87 -7.00
CA ASP B 286 -1.44 -22.21 -6.42
C ASP B 286 -2.76 -22.39 -5.63
N VAL B 287 -3.54 -23.42 -5.96
CA VAL B 287 -4.78 -23.76 -5.24
C VAL B 287 -4.65 -23.77 -3.71
N ASP B 288 -3.48 -24.18 -3.21
CA ASP B 288 -3.28 -24.34 -1.78
C ASP B 288 -3.19 -23.02 -1.00
N ILE B 289 -2.87 -21.92 -1.69
CA ILE B 289 -2.74 -20.61 -1.01
C ILE B 289 -3.99 -19.73 -1.14
N ARG B 290 -4.93 -20.06 -2.04
CA ARG B 290 -6.12 -19.25 -2.32
C ARG B 290 -7.01 -18.96 -1.12
N LYS B 291 -7.13 -19.92 -0.22
CA LYS B 291 -7.92 -19.70 0.96
C LYS B 291 -7.36 -18.50 1.74
N ASP B 292 -6.05 -18.35 1.74
CA ASP B 292 -5.42 -17.27 2.51
C ASP B 292 -5.50 -15.93 1.80
N LEU B 293 -5.65 -15.97 0.47
CA LEU B 293 -5.86 -14.80 -0.34
C LEU B 293 -7.25 -14.21 -0.08
N TYR B 294 -8.26 -15.07 -0.20
CA TYR B 294 -9.68 -14.78 0.13
C TYR B 294 -9.89 -14.26 1.56
N GLY B 295 -9.20 -14.83 2.53
CA GLY B 295 -9.35 -14.32 3.90
C GLY B 295 -8.50 -13.09 4.28
N ASN B 296 -7.78 -12.52 3.31
CA ASN B 296 -6.94 -11.30 3.51
C ASN B 296 -6.92 -10.41 2.25
N VAL B 297 -8.10 -10.01 1.78
CA VAL B 297 -8.20 -9.09 0.63
C VAL B 297 -8.05 -7.65 1.16
N VAL B 298 -6.88 -7.03 0.95
CA VAL B 298 -6.56 -5.70 1.49
C VAL B 298 -6.81 -4.63 0.44
N LEU B 299 -7.64 -3.64 0.79
CA LEU B 299 -7.87 -2.47 -0.09
C LEU B 299 -6.85 -1.35 0.11
N SER B 300 -6.37 -0.79 -0.98
CA SER B 300 -5.32 0.23 -0.87
C SER B 300 -5.57 1.32 -1.93
N GLY B 301 -5.23 2.56 -1.59
CA GLY B 301 -5.22 3.68 -2.56
C GLY B 301 -6.39 4.58 -2.36
N GLY B 302 -6.29 5.78 -2.92
CA GLY B 302 -7.38 6.78 -2.89
C GLY B 302 -8.70 6.31 -3.44
N THR B 303 -8.66 5.61 -4.56
CA THR B 303 -9.90 5.22 -5.23
C THR B 303 -10.63 4.06 -4.55
N THR B 304 -10.03 3.50 -3.49
CA THR B 304 -10.75 2.56 -2.64
C THR B 304 -11.41 3.25 -1.45
N MET B 305 -11.36 4.60 -1.40
CA MET B 305 -11.90 5.31 -0.25
C MET B 305 -13.45 5.37 -0.22
N PHE B 306 -14.13 5.09 -1.33
CA PHE B 306 -15.60 5.19 -1.33
C PHE B 306 -16.23 4.40 -0.19
N PRO B 307 -17.11 5.07 0.59
CA PRO B 307 -17.91 4.38 1.60
C PRO B 307 -18.75 3.27 0.95
N GLY B 308 -18.91 2.14 1.64
CA GLY B 308 -19.57 0.98 1.09
C GLY B 308 -18.67 0.04 0.29
N ILE B 309 -17.46 0.47 -0.10
CA ILE B 309 -16.68 -0.37 -1.00
C ILE B 309 -16.25 -1.78 -0.47
N ALA B 310 -15.99 -1.87 0.83
CA ALA B 310 -15.62 -3.11 1.49
C ALA B 310 -16.77 -4.14 1.49
N ASP B 311 -17.98 -3.69 1.87
CA ASP B 311 -19.20 -4.53 1.86
C ASP B 311 -19.51 -5.05 0.50
N ARG B 312 -19.41 -4.19 -0.49
CA ARG B 312 -19.73 -4.57 -1.83
C ARG B 312 -18.67 -5.52 -2.39
N MET B 313 -17.40 -5.33 -2.03
CA MET B 313 -16.39 -6.33 -2.41
C MET B 313 -16.64 -7.67 -1.69
N ASN B 314 -17.04 -7.59 -0.43
CA ASN B 314 -17.32 -8.78 0.25
C ASN B 314 -18.44 -9.53 -0.45
N LYS B 315 -19.45 -8.79 -0.89
CA LYS B 315 -20.59 -9.36 -1.57
C LYS B 315 -20.19 -9.92 -2.94
N GLU B 316 -19.54 -9.14 -3.79
CA GLU B 316 -19.13 -9.67 -5.10
C GLU B 316 -18.25 -10.94 -5.08
N LEU B 317 -17.35 -11.05 -4.11
CA LEU B 317 -16.44 -12.15 -4.03
C LEU B 317 -17.05 -13.38 -3.35
N THR B 318 -18.00 -13.15 -2.45
CA THR B 318 -18.78 -14.23 -1.88
C THR B 318 -19.51 -14.95 -3.01
N ALA B 319 -20.11 -14.15 -3.91
CA ALA B 319 -20.86 -14.64 -5.04
C ALA B 319 -19.98 -15.49 -5.96
N LEU B 320 -18.67 -15.18 -5.98
CA LEU B 320 -17.80 -15.78 -7.00
C LEU B 320 -17.10 -17.02 -6.50
N ALA B 321 -16.95 -17.11 -5.19
CA ALA B 321 -16.12 -18.14 -4.58
C ALA B 321 -17.01 -19.27 -4.01
N PRO B 322 -16.42 -20.47 -3.80
CA PRO B 322 -17.29 -21.51 -3.21
C PRO B 322 -17.91 -20.96 -1.93
N SER B 323 -19.14 -21.42 -1.66
CA SER B 323 -19.95 -20.89 -0.58
C SER B 323 -19.37 -21.04 0.82
N THR B 324 -18.37 -21.90 1.01
CA THR B 324 -17.83 -22.08 2.35
C THR B 324 -16.50 -21.33 2.50
N MET B 325 -16.22 -20.44 1.54
CA MET B 325 -14.97 -19.69 1.53
C MET B 325 -15.05 -18.60 2.57
N LYS B 326 -14.09 -18.51 3.47
CA LYS B 326 -14.11 -17.35 4.37
C LYS B 326 -13.52 -16.15 3.62
N ILE B 327 -14.34 -15.11 3.40
CA ILE B 327 -13.91 -13.92 2.68
C ILE B 327 -13.79 -12.84 3.75
N LYS B 328 -12.62 -12.21 3.84
CA LYS B 328 -12.45 -11.00 4.64
C LYS B 328 -11.84 -9.86 3.79
N ILE B 329 -12.54 -8.71 3.74
CA ILE B 329 -12.06 -7.50 3.08
C ILE B 329 -11.49 -6.55 4.13
N ILE B 330 -10.27 -6.07 3.95
CA ILE B 330 -9.66 -5.17 4.90
C ILE B 330 -9.48 -3.79 4.26
N ALA B 331 -10.18 -2.79 4.83
CA ALA B 331 -10.22 -1.43 4.27
C ALA B 331 -9.87 -0.55 5.43
N PRO B 332 -8.57 -0.39 5.72
CA PRO B 332 -8.13 0.50 6.78
C PRO B 332 -8.52 1.94 6.41
N PRO B 333 -8.99 2.73 7.39
CA PRO B 333 -9.30 4.19 7.15
C PRO B 333 -8.10 4.97 6.59
N GLU B 334 -6.88 4.62 6.99
CA GLU B 334 -5.66 5.29 6.44
C GLU B 334 -5.12 4.75 5.08
N ARG B 335 -5.91 3.92 4.40
CA ARG B 335 -5.46 3.29 3.11
C ARG B 335 -5.11 4.23 1.96
N LYS B 336 -5.45 5.52 2.06
CA LYS B 336 -4.88 6.45 1.10
C LYS B 336 -3.35 6.47 1.19
N TYR B 337 -2.83 6.13 2.36
CA TYR B 337 -1.39 6.23 2.57
C TYR B 337 -0.74 4.90 2.95
N SER B 338 -1.43 3.79 2.74
CA SER B 338 -0.95 2.44 3.14
C SER B 338 0.44 2.12 2.61
N VAL B 339 0.67 2.39 1.32
CA VAL B 339 1.96 2.21 0.68
C VAL B 339 3.01 3.04 1.43
N TRP B 340 2.71 4.32 1.63
CA TRP B 340 3.67 5.24 2.27
C TRP B 340 4.00 4.73 3.69
N ILE B 341 2.97 4.34 4.43
CA ILE B 341 3.10 3.90 5.83
C ILE B 341 3.86 2.56 5.95
N GLY B 342 3.58 1.60 5.07
CA GLY B 342 4.46 0.41 4.90
C GLY B 342 5.90 0.75 4.68
N GLY B 343 6.15 1.69 3.78
CA GLY B 343 7.54 2.12 3.57
C GLY B 343 8.21 2.71 4.80
N SER B 344 7.47 3.54 5.56
CA SER B 344 7.98 4.19 6.76
C SER B 344 8.31 3.14 7.84
N ILE B 345 7.47 2.10 7.97
CA ILE B 345 7.72 1.05 8.95
C ILE B 345 8.96 0.25 8.53
N LEU B 346 8.99 -0.22 7.29
CA LEU B 346 10.17 -0.93 6.72
C LEU B 346 11.51 -0.22 6.95
N ALA B 347 11.56 1.04 6.53
CA ALA B 347 12.79 1.80 6.57
C ALA B 347 13.19 2.15 8.01
N SER B 348 12.24 2.06 8.97
CA SER B 348 12.58 2.31 10.39
C SER B 348 13.19 1.08 11.15
N LEU B 349 13.07 -0.12 10.58
CA LEU B 349 13.40 -1.34 11.29
C LEU B 349 14.89 -1.39 11.58
N SER B 350 15.26 -1.87 12.77
CA SER B 350 16.68 -2.10 13.07
C SER B 350 17.41 -2.95 11.99
N THR B 351 16.70 -3.87 11.38
CA THR B 351 17.27 -4.77 10.40
C THR B 351 17.32 -4.14 9.04
N PHE B 352 17.00 -2.88 8.91
CA PHE B 352 16.97 -2.39 7.56
C PHE B 352 18.25 -1.84 6.94
N GLN B 353 19.20 -1.42 7.79
CA GLN B 353 20.49 -0.84 7.36
C GLN B 353 21.28 -1.82 6.53
N GLN B 354 20.97 -3.12 6.68
CA GLN B 354 21.63 -4.14 5.92
C GLN B 354 20.98 -4.33 4.54
N MET B 355 19.70 -3.94 4.46
CA MET B 355 18.94 -4.06 3.22
C MET B 355 19.29 -3.05 2.12
N TRP B 356 19.75 -1.85 2.50
CA TRP B 356 19.92 -0.73 1.56
C TRP B 356 20.98 -1.10 0.51
N ILE B 357 20.79 -0.59 -0.70
CA ILE B 357 21.93 -0.35 -1.58
C ILE B 357 22.72 0.88 -1.08
N SER B 358 23.96 0.66 -0.61
CA SER B 358 24.85 1.78 -0.24
C SER B 358 25.52 2.45 -1.44
N LYS B 359 26.08 3.64 -1.24
CA LYS B 359 26.82 4.33 -2.34
C LYS B 359 28.00 3.44 -2.83
N GLU B 360 28.75 2.96 -1.83
CA GLU B 360 29.87 2.07 -2.05
C GLU B 360 29.52 0.91 -2.95
N GLU B 361 28.45 0.16 -2.60
CA GLU B 361 27.90 -0.91 -3.44
C GLU B 361 27.52 -0.42 -4.82
N TYR B 362 26.96 0.80 -4.88
CA TYR B 362 26.59 1.35 -6.17
C TYR B 362 27.85 1.57 -7.04
N ASP B 363 28.86 2.19 -6.44
CA ASP B 363 30.11 2.53 -7.15
C ASP B 363 30.84 1.32 -7.73
N GLU B 364 30.59 0.11 -7.22
CA GLU B 364 31.24 -1.05 -7.79
C GLU B 364 30.34 -1.90 -8.67
N SER B 365 29.07 -1.99 -8.31
CA SER B 365 28.22 -2.82 -9.12
C SER B 365 27.52 -1.99 -10.16
N GLY B 366 27.39 -0.69 -9.88
CA GLY B 366 26.58 0.16 -10.77
C GLY B 366 25.09 -0.13 -10.63
N PRO B 367 24.27 0.37 -11.58
CA PRO B 367 22.81 0.32 -11.42
C PRO B 367 22.14 -1.07 -11.37
N SER B 368 22.73 -2.12 -11.94
CA SER B 368 22.03 -3.44 -11.93
C SER B 368 22.02 -4.16 -10.55
N ILE B 369 22.84 -3.65 -9.62
CA ILE B 369 22.80 -4.10 -8.19
C ILE B 369 21.36 -4.11 -7.63
N VAL B 370 20.44 -3.40 -8.30
CA VAL B 370 19.09 -3.25 -7.83
C VAL B 370 18.32 -4.56 -7.95
N HIS B 371 18.60 -5.34 -8.98
CA HIS B 371 17.85 -6.58 -9.16
C HIS B 371 18.28 -7.68 -8.15
N ARG B 372 19.35 -7.44 -7.41
CA ARG B 372 19.92 -8.44 -6.51
C ARG B 372 19.69 -7.97 -5.08
N LYS B 373 19.50 -6.67 -4.93
CA LYS B 373 19.28 -6.10 -3.61
C LYS B 373 17.77 -5.94 -3.28
N CYS B 374 16.95 -5.70 -4.30
CA CYS B 374 15.59 -5.20 -4.12
C CYS B 374 14.61 -6.07 -4.91
N PHE B 375 13.92 -6.97 -4.19
CA PHE B 375 12.80 -7.67 -4.80
C PHE B 375 11.46 -8.03 -3.95
CA CA C . 2.49 -1.35 22.07
CA CA D . 8.77 -20.01 4.42
PB ADP E . -1.71 7.24 -6.93
O1B ADP E . -0.86 6.55 -5.86
O2B ADP E . -1.11 8.55 -7.38
O3B ADP E . -2.06 6.41 -8.15
PA ADP E . -3.71 7.66 -4.83
O1A ADP E . -3.81 6.37 -4.06
O2A ADP E . -2.89 8.80 -4.22
O3A ADP E . -3.21 7.48 -6.36
O5' ADP E . -5.24 8.15 -4.97
C5' ADP E . -5.53 9.18 -5.90
C4' ADP E . -6.97 9.08 -6.40
O4' ADP E . -7.78 8.92 -5.26
C3' ADP E . -7.45 10.40 -7.00
O3' ADP E . -8.16 10.14 -8.23
C2' ADP E . -8.38 11.00 -5.96
O2' ADP E . -9.48 11.69 -6.56
C1' ADP E . -8.90 9.75 -5.29
N9 ADP E . -9.45 9.97 -3.94
C8 ADP E . -8.85 10.59 -2.88
N7 ADP E . -9.70 10.57 -1.81
C5 ADP E . -10.83 9.92 -2.19
C6 ADP E . -12.12 9.58 -1.58
N6 ADP E . -12.37 9.91 -0.28
N1 ADP E . -13.02 8.93 -2.34
C2 ADP E . -12.83 8.62 -3.62
N3 ADP E . -11.67 8.93 -4.23
C4 ADP E . -10.67 9.56 -3.58
MG MG F . -0.40 4.54 -5.56
#